data_19GS
#
_entry.id   19GS
#
_cell.length_a   77.742
_cell.length_b   89.984
_cell.length_c   68.842
_cell.angle_alpha   90.00
_cell.angle_beta   97.54
_cell.angle_gamma   90.00
#
_symmetry.space_group_name_H-M   'C 1 2 1'
#
loop_
_entity.id
_entity.type
_entity.pdbx_description
1 polymer 'GLUTATHIONE S-TRANSFERASE'
2 non-polymer "3,3'-(4,5,6,7-TETRABROMO-3-OXO-1(3H)-ISOBENZOFURANYLIDENE)BIS [6-HYDROXYBENZENESULFONIC ACID]ANION"
3 non-polymer GLUTATHIONE
4 non-polymer '2-(N-MORPHOLINO)-ETHANESULFONIC ACID'
5 water water
#
_entity_poly.entity_id   1
_entity_poly.type   'polypeptide(L)'
_entity_poly.pdbx_seq_one_letter_code
;PPYTVVYFPVRGRCAALRMLLADQGQSWKEEVVTVETWQEGSLKASCLYGQLPKFQDGDLTLYQSNTILRHLGRTLGLYG
KDQQEAALVDMVNDGVEDLRCKYISLIYTNYEAGKDDYVKALPGQLKPFETLLSQNQGGKTFIVGDQISFADYNLLDLLL
IHEVLAPGCLDAFPLLSAYVGRLSARPKLKAFLASPEYVNLPINGNGKQ
;
_entity_poly.pdbx_strand_id   A,B
#
loop_
_chem_comp.id
_chem_comp.type
_chem_comp.name
_chem_comp.formula
BSP non-polymer '3,3'-(4,5,6,7-TETRABROMO-3-OXO-1(3H)-ISOBENZOFURANYLIDENE)BIS [6-HYDROXYBENZENESULFONIC ACID]ANION' 'C20 H8 Br4 O10 S2 -2'
GSH non-polymer GLUTATHIONE 'C10 H17 N3 O6 S'
MES non-polymer '2-(N-MORPHOLINO)-ETHANESULFONIC ACID' 'C6 H13 N O4 S'
#
# COMPACT_ATOMS: atom_id res chain seq x y z
N PRO A 2 17.68 -18.18 -5.14
CA PRO A 2 16.43 -18.04 -5.90
C PRO A 2 15.33 -17.52 -4.99
N TYR A 3 14.11 -17.99 -5.24
CA TYR A 3 12.97 -17.52 -4.48
C TYR A 3 12.38 -18.51 -3.48
N THR A 4 12.01 -17.99 -2.32
CA THR A 4 11.36 -18.78 -1.28
C THR A 4 10.24 -17.94 -0.69
N VAL A 5 9.04 -18.52 -0.61
CA VAL A 5 7.95 -17.80 0.01
C VAL A 5 7.55 -18.60 1.24
N VAL A 6 7.54 -17.91 2.38
CA VAL A 6 7.20 -18.49 3.67
C VAL A 6 5.81 -18.00 4.02
N TYR A 7 4.87 -18.93 4.12
CA TYR A 7 3.49 -18.56 4.37
C TYR A 7 2.67 -19.70 4.95
N PHE A 8 1.46 -19.37 5.38
CA PHE A 8 0.52 -20.34 5.92
C PHE A 8 -0.01 -21.14 4.73
N PRO A 9 -0.62 -22.30 4.98
CA PRO A 9 -1.14 -23.09 3.86
C PRO A 9 -2.48 -22.54 3.35
N VAL A 10 -2.44 -21.35 2.76
CA VAL A 10 -3.62 -20.70 2.21
C VAL A 10 -3.15 -19.87 1.02
N ARG A 11 -4.08 -19.47 0.17
CA ARG A 11 -3.72 -18.65 -0.97
C ARG A 11 -3.48 -17.22 -0.46
N GLY A 12 -4.52 -16.65 0.15
CA GLY A 12 -4.43 -15.32 0.72
C GLY A 12 -3.62 -14.27 -0.04
N ARG A 13 -2.72 -13.62 0.69
CA ARG A 13 -1.87 -12.57 0.14
C ARG A 13 -0.69 -13.06 -0.67
N CYS A 14 -0.59 -14.38 -0.85
CA CYS A 14 0.49 -14.95 -1.64
C CYS A 14 0.02 -15.43 -3.01
N ALA A 15 -1.29 -15.50 -3.18
CA ALA A 15 -1.88 -15.96 -4.43
C ALA A 15 -1.41 -15.16 -5.65
N ALA A 16 -1.45 -13.83 -5.56
CA ALA A 16 -1.04 -12.99 -6.68
C ALA A 16 0.44 -13.14 -7.06
N LEU A 17 1.34 -13.08 -6.07
CA LEU A 17 2.76 -13.21 -6.38
C LEU A 17 3.09 -14.62 -6.91
N ARG A 18 2.33 -15.61 -6.48
CA ARG A 18 2.55 -16.99 -6.95
C ARG A 18 2.13 -17.08 -8.42
N MET A 19 0.98 -16.49 -8.74
CA MET A 19 0.48 -16.49 -10.12
C MET A 19 1.52 -15.81 -11.00
N LEU A 20 2.08 -14.74 -10.46
CA LEU A 20 3.10 -13.96 -11.16
C LEU A 20 4.31 -14.84 -11.46
N LEU A 21 4.85 -15.47 -10.43
CA LEU A 21 6.02 -16.33 -10.59
C LEU A 21 5.75 -17.48 -11.54
N ALA A 22 4.57 -18.11 -11.41
CA ALA A 22 4.20 -19.23 -12.27
C ALA A 22 4.10 -18.78 -13.72
N ASP A 23 3.35 -17.71 -13.96
CA ASP A 23 3.18 -17.18 -15.31
C ASP A 23 4.47 -16.70 -15.95
N GLN A 24 5.42 -16.25 -15.12
CA GLN A 24 6.68 -15.74 -15.65
C GLN A 24 7.71 -16.87 -15.80
N GLY A 25 7.27 -18.10 -15.55
CA GLY A 25 8.17 -19.23 -15.68
C GLY A 25 9.31 -19.22 -14.68
N GLN A 26 9.06 -18.67 -13.50
CA GLN A 26 10.08 -18.62 -12.46
C GLN A 26 9.88 -19.75 -11.46
N SER A 27 10.98 -20.24 -10.90
CA SER A 27 10.89 -21.31 -9.92
C SER A 27 11.04 -20.74 -8.53
N TRP A 28 10.32 -21.31 -7.57
CA TRP A 28 10.38 -20.86 -6.20
C TRP A 28 10.09 -22.02 -5.26
N LYS A 29 10.52 -21.86 -4.02
CA LYS A 29 10.29 -22.87 -3.01
C LYS A 29 9.23 -22.37 -2.03
N GLU A 30 8.37 -23.29 -1.61
CA GLU A 30 7.34 -22.94 -0.66
C GLU A 30 7.72 -23.50 0.71
N GLU A 31 7.67 -22.65 1.72
CA GLU A 31 7.96 -23.06 3.08
C GLU A 31 6.65 -22.85 3.81
N VAL A 32 5.98 -23.95 4.14
CA VAL A 32 4.69 -23.88 4.81
C VAL A 32 4.79 -23.74 6.32
N VAL A 33 4.03 -22.80 6.87
CA VAL A 33 4.02 -22.54 8.30
C VAL A 33 2.73 -23.05 8.92
N THR A 34 2.88 -23.89 9.93
CA THR A 34 1.71 -24.43 10.61
C THR A 34 1.30 -23.62 11.83
N VAL A 35 0.06 -23.85 12.27
CA VAL A 35 -0.45 -23.17 13.42
C VAL A 35 0.58 -23.37 14.51
N GLU A 36 0.72 -24.61 14.99
CA GLU A 36 1.69 -24.91 16.02
C GLU A 36 2.93 -24.02 15.88
N THR A 37 3.60 -24.07 14.73
CA THR A 37 4.80 -23.26 14.47
C THR A 37 4.60 -21.76 14.67
N TRP A 38 3.51 -21.23 14.14
CA TRP A 38 3.21 -19.82 14.27
C TRP A 38 2.94 -19.52 15.73
N GLN A 39 2.02 -20.28 16.31
CA GLN A 39 1.67 -20.11 17.71
C GLN A 39 2.86 -20.26 18.64
N GLU A 40 3.88 -21.00 18.20
CA GLU A 40 5.07 -21.18 19.02
C GLU A 40 5.69 -19.82 19.32
N GLY A 41 5.54 -18.89 18.37
CA GLY A 41 6.03 -17.54 18.58
C GLY A 41 7.38 -17.08 18.06
N SER A 42 8.35 -17.98 17.97
CA SER A 42 9.66 -17.58 17.49
C SER A 42 9.66 -16.98 16.09
N LEU A 43 9.10 -17.71 15.12
CA LEU A 43 9.05 -17.23 13.75
C LEU A 43 8.41 -15.85 13.70
N LYS A 44 7.22 -15.75 14.28
CA LYS A 44 6.48 -14.50 14.30
C LYS A 44 7.35 -13.37 14.83
N ALA A 45 7.95 -13.60 16.00
CA ALA A 45 8.81 -12.61 16.62
C ALA A 45 9.97 -12.19 15.71
N SER A 46 10.39 -13.10 14.83
CA SER A 46 11.51 -12.81 13.93
C SER A 46 11.05 -12.06 12.66
N CYS A 47 9.74 -11.95 12.46
CA CYS A 47 9.22 -11.26 11.30
C CYS A 47 9.19 -9.75 11.58
N LEU A 48 9.67 -8.96 10.62
CA LEU A 48 9.74 -7.51 10.75
C LEU A 48 8.49 -6.90 11.40
N TYR A 49 7.32 -7.19 10.82
CA TYR A 49 6.08 -6.66 11.34
C TYR A 49 5.25 -7.77 11.99
N GLY A 50 5.95 -8.82 12.40
CA GLY A 50 5.29 -9.94 13.06
C GLY A 50 4.26 -10.65 12.21
N GLN A 51 4.44 -10.62 10.89
CA GLN A 51 3.51 -11.27 9.98
C GLN A 51 4.15 -11.93 8.78
N LEU A 52 3.37 -12.78 8.12
CA LEU A 52 3.80 -13.46 6.91
C LEU A 52 2.91 -12.85 5.82
N PRO A 53 3.27 -13.01 4.55
CA PRO A 53 4.46 -13.67 4.00
C PRO A 53 5.83 -13.09 4.27
N LYS A 54 6.80 -13.98 4.22
CA LYS A 54 8.20 -13.65 4.34
C LYS A 54 8.70 -14.14 2.98
N PHE A 55 9.54 -13.36 2.30
CA PHE A 55 10.04 -13.73 0.99
C PHE A 55 11.55 -13.62 0.96
N GLN A 56 12.19 -14.56 0.29
CA GLN A 56 13.63 -14.52 0.17
C GLN A 56 14.03 -14.62 -1.28
N ASP A 57 14.88 -13.70 -1.69
CA ASP A 57 15.43 -13.65 -3.03
C ASP A 57 16.92 -13.63 -2.76
N GLY A 58 17.54 -14.80 -2.65
CA GLY A 58 18.95 -14.83 -2.30
C GLY A 58 18.97 -14.43 -0.83
N ASP A 59 19.89 -13.56 -0.45
CA ASP A 59 19.97 -13.12 0.94
C ASP A 59 19.09 -11.90 1.23
N LEU A 60 18.25 -11.51 0.26
CA LEU A 60 17.34 -10.39 0.45
C LEU A 60 16.07 -10.98 1.04
N THR A 61 15.74 -10.59 2.26
CA THR A 61 14.56 -11.05 2.96
C THR A 61 13.52 -9.93 2.96
N LEU A 62 12.31 -10.23 2.46
CA LEU A 62 11.25 -9.24 2.39
C LEU A 62 10.01 -9.63 3.17
N TYR A 63 9.20 -8.63 3.51
CA TYR A 63 7.94 -8.82 4.21
C TYR A 63 7.00 -7.89 3.48
N GLN A 64 5.70 -8.15 3.61
CA GLN A 64 4.64 -7.33 2.99
C GLN A 64 4.39 -7.80 1.56
N SER A 65 3.20 -8.36 1.32
CA SER A 65 2.87 -8.86 0.00
C SER A 65 3.08 -7.88 -1.15
N ASN A 66 2.72 -6.61 -0.96
CA ASN A 66 2.89 -5.67 -2.06
C ASN A 66 4.34 -5.30 -2.29
N THR A 67 5.17 -5.45 -1.27
CA THR A 67 6.60 -5.16 -1.41
C THR A 67 7.17 -6.27 -2.29
N ILE A 68 6.73 -7.50 -2.04
CA ILE A 68 7.20 -8.64 -2.83
C ILE A 68 6.74 -8.49 -4.27
N LEU A 69 5.49 -8.07 -4.47
CA LEU A 69 4.95 -7.88 -5.82
C LEU A 69 5.72 -6.80 -6.56
N ARG A 70 6.00 -5.68 -5.90
CA ARG A 70 6.76 -4.59 -6.54
C ARG A 70 8.19 -5.01 -6.81
N HIS A 71 8.76 -5.83 -5.93
CA HIS A 71 10.12 -6.29 -6.13
C HIS A 71 10.19 -7.15 -7.38
N LEU A 72 9.31 -8.13 -7.47
CA LEU A 72 9.25 -9.03 -8.63
C LEU A 72 8.93 -8.22 -9.91
N GLY A 73 8.02 -7.25 -9.80
CA GLY A 73 7.67 -6.44 -10.96
C GLY A 73 8.86 -5.65 -11.45
N ARG A 74 9.63 -5.14 -10.51
CA ARG A 74 10.82 -4.35 -10.80
C ARG A 74 11.91 -5.21 -11.45
N THR A 75 12.24 -6.32 -10.80
CA THR A 75 13.30 -7.21 -11.29
C THR A 75 12.93 -8.01 -12.53
N LEU A 76 11.64 -8.30 -12.71
CA LEU A 76 11.19 -9.09 -13.85
C LEU A 76 10.64 -8.26 -15.02
N GLY A 77 10.60 -6.94 -14.86
CA GLY A 77 10.11 -6.08 -15.93
C GLY A 77 8.60 -6.02 -16.11
N LEU A 78 7.87 -6.06 -14.99
CA LEU A 78 6.41 -5.99 -15.02
C LEU A 78 5.96 -4.77 -14.21
N TYR A 79 6.53 -3.61 -14.55
CA TYR A 79 6.25 -2.35 -13.84
C TYR A 79 6.12 -1.18 -14.79
N GLY A 80 5.48 -1.41 -15.94
CA GLY A 80 5.31 -0.33 -16.90
C GLY A 80 6.48 -0.14 -17.84
N LYS A 81 6.25 0.55 -18.95
CA LYS A 81 7.30 0.77 -19.92
C LYS A 81 8.08 2.06 -19.62
N ASP A 82 7.52 2.90 -18.76
CA ASP A 82 8.17 4.15 -18.39
C ASP A 82 7.70 4.61 -17.01
N GLN A 83 8.14 5.79 -16.59
CA GLN A 83 7.76 6.30 -15.27
C GLN A 83 6.28 6.60 -15.16
N GLN A 84 5.67 7.05 -16.25
CA GLN A 84 4.24 7.36 -16.25
C GLN A 84 3.41 6.08 -16.05
N GLU A 85 3.79 5.01 -16.74
CA GLU A 85 3.07 3.76 -16.61
C GLU A 85 3.29 3.17 -15.23
N ALA A 86 4.51 3.29 -14.71
CA ALA A 86 4.83 2.77 -13.39
C ALA A 86 3.91 3.40 -12.36
N ALA A 87 3.64 4.70 -12.51
CA ALA A 87 2.77 5.42 -11.57
C ALA A 87 1.33 4.90 -11.66
N LEU A 88 0.86 4.65 -12.87
CA LEU A 88 -0.49 4.14 -13.08
C LEU A 88 -0.61 2.74 -12.52
N VAL A 89 0.47 1.96 -12.66
CA VAL A 89 0.51 0.60 -12.14
C VAL A 89 0.34 0.66 -10.63
N ASP A 90 1.03 1.61 -9.99
CA ASP A 90 0.94 1.75 -8.54
C ASP A 90 -0.48 2.15 -8.15
N MET A 91 -1.07 3.06 -8.93
CA MET A 91 -2.43 3.54 -8.67
C MET A 91 -3.43 2.39 -8.69
N VAL A 92 -3.24 1.47 -9.64
CA VAL A 92 -4.13 0.32 -9.73
C VAL A 92 -3.90 -0.59 -8.51
N ASN A 93 -2.65 -0.90 -8.21
CA ASN A 93 -2.34 -1.77 -7.08
C ASN A 93 -2.82 -1.23 -5.75
N ASP A 94 -2.70 0.08 -5.55
CA ASP A 94 -3.16 0.69 -4.31
C ASP A 94 -4.68 0.49 -4.22
N GLY A 95 -5.35 0.62 -5.36
CA GLY A 95 -6.80 0.41 -5.40
C GLY A 95 -7.14 -1.03 -5.06
N VAL A 96 -6.39 -1.96 -5.65
CA VAL A 96 -6.59 -3.38 -5.41
C VAL A 96 -6.39 -3.67 -3.92
N GLU A 97 -5.31 -3.15 -3.35
CA GLU A 97 -5.02 -3.35 -1.93
C GLU A 97 -6.14 -2.82 -1.05
N ASP A 98 -6.68 -1.66 -1.41
CA ASP A 98 -7.77 -1.06 -0.65
C ASP A 98 -9.00 -1.97 -0.59
N LEU A 99 -9.37 -2.53 -1.73
CA LEU A 99 -10.52 -3.44 -1.75
C LEU A 99 -10.16 -4.73 -1.02
N ARG A 100 -8.93 -5.21 -1.21
CA ARG A 100 -8.52 -6.44 -0.54
C ARG A 100 -8.63 -6.26 0.97
N CYS A 101 -8.28 -5.08 1.46
CA CYS A 101 -8.35 -4.85 2.90
C CYS A 101 -9.80 -4.97 3.38
N LYS A 102 -10.72 -4.46 2.58
CA LYS A 102 -12.14 -4.54 2.94
C LYS A 102 -12.62 -5.99 2.91
N TYR A 103 -12.14 -6.74 1.92
CA TYR A 103 -12.51 -8.15 1.76
C TYR A 103 -12.02 -8.97 2.95
N ILE A 104 -10.78 -8.73 3.33
CA ILE A 104 -10.17 -9.44 4.45
C ILE A 104 -10.91 -9.12 5.74
N SER A 105 -11.30 -7.87 5.91
CA SER A 105 -12.03 -7.46 7.10
C SER A 105 -13.34 -8.24 7.20
N LEU A 106 -14.06 -8.32 6.09
CA LEU A 106 -15.33 -9.05 6.04
C LEU A 106 -15.12 -10.53 6.36
N ILE A 107 -14.22 -11.16 5.62
CA ILE A 107 -13.91 -12.58 5.79
C ILE A 107 -13.55 -12.97 7.22
N TYR A 108 -12.63 -12.23 7.82
CA TYR A 108 -12.18 -12.55 9.17
C TYR A 108 -12.86 -11.80 10.32
N THR A 109 -13.51 -10.68 10.04
CA THR A 109 -14.13 -9.87 11.09
C THR A 109 -15.64 -9.97 11.30
N ASN A 110 -16.41 -9.98 10.21
CA ASN A 110 -17.85 -10.10 10.35
C ASN A 110 -18.49 -10.50 9.03
N TYR A 111 -18.23 -11.75 8.66
CA TYR A 111 -18.73 -12.34 7.44
C TYR A 111 -20.25 -12.46 7.38
N GLU A 112 -20.83 -13.11 8.39
CA GLU A 112 -22.27 -13.32 8.48
C GLU A 112 -23.09 -12.03 8.42
N ALA A 113 -22.79 -11.10 9.31
CA ALA A 113 -23.52 -9.84 9.39
C ALA A 113 -23.22 -8.83 8.29
N GLY A 114 -21.97 -8.79 7.83
CA GLY A 114 -21.61 -7.82 6.82
C GLY A 114 -21.61 -8.22 5.35
N LYS A 115 -21.83 -9.50 5.07
CA LYS A 115 -21.83 -9.97 3.68
C LYS A 115 -22.83 -9.29 2.74
N ASP A 116 -24.06 -9.06 3.20
CA ASP A 116 -25.07 -8.42 2.36
C ASP A 116 -24.66 -7.01 1.94
N ASP A 117 -24.31 -6.20 2.93
CA ASP A 117 -23.89 -4.82 2.68
C ASP A 117 -22.67 -4.79 1.78
N TYR A 118 -21.73 -5.70 2.04
CA TYR A 118 -20.50 -5.75 1.26
C TYR A 118 -20.81 -6.02 -0.20
N VAL A 119 -21.67 -7.00 -0.44
CA VAL A 119 -22.00 -7.36 -1.81
C VAL A 119 -22.80 -6.29 -2.54
N LYS A 120 -23.63 -5.54 -1.81
CA LYS A 120 -24.42 -4.48 -2.41
C LYS A 120 -23.47 -3.38 -2.84
N ALA A 121 -22.43 -3.16 -2.04
CA ALA A 121 -21.45 -2.12 -2.31
C ALA A 121 -20.37 -2.54 -3.31
N LEU A 122 -20.28 -3.83 -3.58
CA LEU A 122 -19.27 -4.36 -4.49
C LEU A 122 -19.21 -3.72 -5.88
N PRO A 123 -20.35 -3.57 -6.56
CA PRO A 123 -20.33 -2.96 -7.89
C PRO A 123 -19.62 -1.61 -7.90
N GLY A 124 -19.89 -0.80 -6.88
CA GLY A 124 -19.27 0.50 -6.78
C GLY A 124 -17.77 0.40 -6.64
N GLN A 125 -17.31 -0.66 -5.98
CA GLN A 125 -15.89 -0.87 -5.76
C GLN A 125 -15.17 -1.46 -6.97
N LEU A 126 -15.90 -2.18 -7.81
CA LEU A 126 -15.30 -2.78 -9.00
C LEU A 126 -15.29 -1.83 -10.19
N LYS A 127 -16.25 -0.92 -10.23
CA LYS A 127 -16.38 0.03 -11.33
C LYS A 127 -15.08 0.73 -11.74
N PRO A 128 -14.29 1.21 -10.76
CA PRO A 128 -13.04 1.90 -11.12
C PRO A 128 -12.11 1.09 -12.03
N PHE A 129 -12.01 -0.22 -11.80
CA PHE A 129 -11.14 -1.06 -12.61
C PHE A 129 -11.71 -1.28 -14.00
N GLU A 130 -13.04 -1.29 -14.12
CA GLU A 130 -13.69 -1.44 -15.43
C GLU A 130 -13.38 -0.17 -16.23
N THR A 131 -13.45 0.96 -15.54
CA THR A 131 -13.19 2.25 -16.16
C THR A 131 -11.74 2.33 -16.66
N LEU A 132 -10.80 1.89 -15.82
CA LEU A 132 -9.39 1.89 -16.20
C LEU A 132 -9.22 1.06 -17.48
N LEU A 133 -9.90 -0.09 -17.50
CA LEU A 133 -9.87 -1.00 -18.63
C LEU A 133 -10.44 -0.34 -19.88
N SER A 134 -11.56 0.35 -19.71
CA SER A 134 -12.18 1.00 -20.85
C SER A 134 -11.29 2.11 -21.42
N GLN A 135 -10.40 2.65 -20.60
CA GLN A 135 -9.54 3.72 -21.06
C GLN A 135 -8.19 3.26 -21.60
N ASN A 136 -7.96 1.96 -21.62
CA ASN A 136 -6.70 1.43 -22.12
C ASN A 136 -6.92 0.42 -23.26
N GLN A 137 -6.90 0.91 -24.49
CA GLN A 137 -7.07 0.07 -25.65
C GLN A 137 -8.39 -0.71 -25.60
N GLY A 138 -9.46 -0.04 -25.19
CA GLY A 138 -10.75 -0.69 -25.12
C GLY A 138 -10.79 -1.86 -24.16
N GLY A 139 -9.80 -1.95 -23.28
CA GLY A 139 -9.75 -3.03 -22.31
C GLY A 139 -9.36 -4.37 -22.90
N LYS A 140 -8.71 -4.34 -24.06
CA LYS A 140 -8.31 -5.57 -24.76
C LYS A 140 -6.93 -6.11 -24.40
N THR A 141 -6.12 -5.34 -23.67
CA THR A 141 -4.79 -5.80 -23.30
C THR A 141 -4.65 -5.99 -21.80
N PHE A 142 -3.99 -5.05 -21.12
CA PHE A 142 -3.83 -5.15 -19.68
C PHE A 142 -4.41 -3.97 -18.94
N ILE A 143 -4.28 -3.97 -17.62
CA ILE A 143 -4.83 -2.90 -16.81
C ILE A 143 -4.08 -1.58 -17.07
N VAL A 144 -2.77 -1.68 -17.35
CA VAL A 144 -1.96 -0.50 -17.65
C VAL A 144 -1.04 -0.82 -18.81
N GLY A 145 -1.10 -0.01 -19.86
CA GLY A 145 -0.24 -0.21 -21.01
C GLY A 145 -0.57 -1.46 -21.81
N ASP A 146 0.38 -1.90 -22.62
CA ASP A 146 0.19 -3.08 -23.47
C ASP A 146 1.04 -4.27 -23.03
N GLN A 147 1.58 -4.20 -21.82
CA GLN A 147 2.38 -5.29 -21.28
C GLN A 147 1.86 -5.60 -19.88
N ILE A 148 1.95 -6.86 -19.48
CA ILE A 148 1.48 -7.27 -18.17
C ILE A 148 2.36 -6.65 -17.07
N SER A 149 1.76 -6.40 -15.90
CA SER A 149 2.49 -5.82 -14.77
C SER A 149 2.05 -6.55 -13.53
N PHE A 150 2.74 -6.33 -12.40
CA PHE A 150 2.36 -7.02 -11.18
C PHE A 150 0.94 -6.67 -10.72
N ALA A 151 0.47 -5.46 -11.06
CA ALA A 151 -0.88 -5.05 -10.68
C ALA A 151 -1.94 -5.93 -11.38
N ASP A 152 -1.62 -6.42 -12.57
CA ASP A 152 -2.53 -7.31 -13.29
C ASP A 152 -2.76 -8.58 -12.47
N TYR A 153 -1.67 -9.16 -11.98
CA TYR A 153 -1.75 -10.38 -11.19
C TYR A 153 -2.50 -10.15 -9.89
N ASN A 154 -2.29 -8.99 -9.28
CA ASN A 154 -2.96 -8.67 -8.03
C ASN A 154 -4.45 -8.44 -8.30
N LEU A 155 -4.76 -7.67 -9.34
CA LEU A 155 -6.17 -7.39 -9.70
C LEU A 155 -6.89 -8.68 -10.09
N LEU A 156 -6.24 -9.51 -10.92
CA LEU A 156 -6.84 -10.76 -11.34
C LEU A 156 -7.22 -11.58 -10.11
N ASP A 157 -6.32 -11.68 -9.14
CA ASP A 157 -6.62 -12.43 -7.93
C ASP A 157 -7.82 -11.85 -7.19
N LEU A 158 -7.87 -10.53 -7.10
CA LEU A 158 -8.96 -9.87 -6.40
C LEU A 158 -10.31 -10.20 -7.07
N LEU A 159 -10.33 -10.17 -8.40
CA LEU A 159 -11.55 -10.48 -9.14
C LEU A 159 -11.92 -11.96 -8.94
N LEU A 160 -10.93 -12.84 -9.00
CA LEU A 160 -11.19 -14.26 -8.83
C LEU A 160 -11.82 -14.58 -7.47
N ILE A 161 -11.26 -14.03 -6.40
CA ILE A 161 -11.79 -14.32 -5.07
C ILE A 161 -13.16 -13.67 -4.85
N HIS A 162 -13.45 -12.60 -5.59
CA HIS A 162 -14.74 -11.96 -5.44
C HIS A 162 -15.86 -12.71 -6.17
N GLU A 163 -15.51 -13.42 -7.25
CA GLU A 163 -16.49 -14.21 -7.98
C GLU A 163 -16.90 -15.41 -7.13
N VAL A 164 -16.01 -15.85 -6.24
CA VAL A 164 -16.33 -16.97 -5.35
C VAL A 164 -17.21 -16.43 -4.23
N LEU A 165 -16.91 -15.22 -3.78
CA LEU A 165 -17.68 -14.60 -2.70
C LEU A 165 -19.06 -14.16 -3.20
N ALA A 166 -19.08 -13.59 -4.41
CA ALA A 166 -20.31 -13.13 -5.03
C ALA A 166 -20.38 -13.60 -6.48
N PRO A 167 -20.79 -14.86 -6.69
CA PRO A 167 -20.88 -15.38 -8.06
C PRO A 167 -21.63 -14.43 -8.99
N GLY A 168 -21.04 -14.17 -10.16
CA GLY A 168 -21.67 -13.28 -11.13
C GLY A 168 -21.47 -11.79 -10.93
N CYS A 169 -20.65 -11.41 -9.95
CA CYS A 169 -20.42 -9.99 -9.71
C CYS A 169 -19.75 -9.28 -10.90
N LEU A 170 -19.18 -10.06 -11.81
CA LEU A 170 -18.51 -9.47 -12.97
C LEU A 170 -19.45 -9.38 -14.18
N ASP A 171 -20.65 -9.93 -14.02
CA ASP A 171 -21.64 -9.92 -15.08
C ASP A 171 -21.99 -8.50 -15.48
N ALA A 172 -21.83 -7.58 -14.52
CA ALA A 172 -22.12 -6.17 -14.75
C ALA A 172 -20.95 -5.43 -15.40
N PHE A 173 -19.80 -6.09 -15.45
CA PHE A 173 -18.59 -5.49 -16.02
C PHE A 173 -17.98 -6.35 -17.12
N PRO A 174 -18.36 -6.07 -18.39
CA PRO A 174 -17.89 -6.79 -19.57
C PRO A 174 -16.37 -6.82 -19.77
N LEU A 175 -15.72 -5.67 -19.58
CA LEU A 175 -14.27 -5.59 -19.76
C LEU A 175 -13.58 -6.43 -18.69
N LEU A 176 -14.02 -6.30 -17.45
CA LEU A 176 -13.42 -7.06 -16.35
C LEU A 176 -13.62 -8.57 -16.55
N SER A 177 -14.81 -8.96 -17.01
CA SER A 177 -15.11 -10.38 -17.23
C SER A 177 -14.19 -10.95 -18.29
N ALA A 178 -14.12 -10.27 -19.42
CA ALA A 178 -13.28 -10.70 -20.53
C ALA A 178 -11.81 -10.73 -20.10
N TYR A 179 -11.44 -9.75 -19.28
CA TYR A 179 -10.09 -9.61 -18.75
C TYR A 179 -9.71 -10.84 -17.92
N VAL A 180 -10.61 -11.25 -17.03
CA VAL A 180 -10.37 -12.43 -16.20
C VAL A 180 -10.19 -13.68 -17.06
N GLY A 181 -11.07 -13.84 -18.05
CA GLY A 181 -11.00 -15.00 -18.93
C GLY A 181 -9.73 -15.00 -19.74
N ARG A 182 -9.37 -13.85 -20.28
CA ARG A 182 -8.17 -13.70 -21.09
C ARG A 182 -6.87 -13.97 -20.34
N LEU A 183 -6.73 -13.38 -19.16
CA LEU A 183 -5.51 -13.57 -18.38
C LEU A 183 -5.44 -14.99 -17.83
N SER A 184 -6.58 -15.54 -17.44
CA SER A 184 -6.64 -16.89 -16.90
C SER A 184 -6.26 -17.93 -17.94
N ALA A 185 -6.37 -17.55 -19.21
CA ALA A 185 -6.05 -18.48 -20.30
C ALA A 185 -4.58 -18.50 -20.67
N ARG A 186 -3.80 -17.58 -20.11
CA ARG A 186 -2.37 -17.59 -20.39
C ARG A 186 -1.86 -18.99 -20.00
N PRO A 187 -1.25 -19.71 -20.95
CA PRO A 187 -0.72 -21.08 -20.75
C PRO A 187 -0.14 -21.44 -19.39
N LYS A 188 0.94 -20.77 -18.99
CA LYS A 188 1.56 -21.05 -17.70
C LYS A 188 0.63 -20.74 -16.53
N LEU A 189 -0.13 -19.65 -16.62
CA LEU A 189 -1.06 -19.26 -15.55
C LEU A 189 -2.21 -20.26 -15.49
N LYS A 190 -2.72 -20.64 -16.65
CA LYS A 190 -3.82 -21.61 -16.73
C LYS A 190 -3.43 -22.92 -16.05
N ALA A 191 -2.24 -23.42 -16.38
CA ALA A 191 -1.75 -24.66 -15.79
C ALA A 191 -1.60 -24.53 -14.28
N PHE A 192 -1.05 -23.40 -13.83
CA PHE A 192 -0.86 -23.19 -12.41
C PHE A 192 -2.20 -23.12 -11.67
N LEU A 193 -3.14 -22.36 -12.21
CA LEU A 193 -4.45 -22.22 -11.58
C LEU A 193 -5.22 -23.52 -11.47
N ALA A 194 -4.93 -24.46 -12.35
CA ALA A 194 -5.60 -25.76 -12.36
C ALA A 194 -4.88 -26.79 -11.50
N SER A 195 -3.62 -26.54 -11.18
CA SER A 195 -2.81 -27.45 -10.37
C SER A 195 -3.27 -27.62 -8.92
N PRO A 196 -2.95 -28.77 -8.31
CA PRO A 196 -3.34 -29.07 -6.92
C PRO A 196 -2.69 -28.07 -5.96
N GLU A 197 -1.52 -27.59 -6.38
CA GLU A 197 -0.73 -26.62 -5.62
C GLU A 197 -1.53 -25.36 -5.31
N TYR A 198 -2.41 -24.99 -6.24
CA TYR A 198 -3.27 -23.82 -6.10
C TYR A 198 -4.67 -24.25 -5.64
N VAL A 199 -5.28 -25.13 -6.42
CA VAL A 199 -6.63 -25.62 -6.16
C VAL A 199 -6.86 -26.19 -4.76
N ASN A 200 -5.90 -26.95 -4.26
CA ASN A 200 -6.08 -27.58 -2.94
C ASN A 200 -5.75 -26.72 -1.74
N LEU A 201 -5.55 -25.45 -1.98
CA LEU A 201 -5.28 -24.49 -0.91
C LEU A 201 -6.53 -23.66 -0.68
N PRO A 202 -6.93 -23.45 0.58
CA PRO A 202 -8.14 -22.63 0.79
C PRO A 202 -7.80 -21.19 0.46
N ILE A 203 -8.80 -20.39 0.12
CA ILE A 203 -8.56 -18.99 -0.20
C ILE A 203 -8.10 -18.24 1.04
N ASN A 204 -8.78 -18.49 2.14
CA ASN A 204 -8.47 -17.85 3.42
C ASN A 204 -8.14 -18.86 4.52
N GLY A 205 -7.81 -18.37 5.70
CA GLY A 205 -7.45 -19.26 6.79
C GLY A 205 -8.55 -19.62 7.78
N ASN A 206 -9.71 -19.02 7.65
CA ASN A 206 -10.82 -19.30 8.56
C ASN A 206 -11.93 -20.10 7.89
N GLY A 207 -11.63 -20.63 6.70
CA GLY A 207 -12.61 -21.43 6.00
C GLY A 207 -13.75 -20.68 5.33
N LYS A 208 -13.70 -19.35 5.34
CA LYS A 208 -14.75 -18.58 4.70
C LYS A 208 -14.29 -18.07 3.35
N GLN A 209 -15.23 -17.84 2.45
CA GLN A 209 -14.90 -17.38 1.10
C GLN A 209 -16.15 -16.86 0.39
N PRO B 2 3.53 21.57 -13.99
CA PRO B 2 4.12 21.46 -12.63
C PRO B 2 3.28 20.54 -11.76
N TYR B 3 3.34 20.77 -10.46
CA TYR B 3 2.60 19.96 -9.52
C TYR B 3 1.41 20.68 -8.91
N THR B 4 0.32 19.93 -8.75
CA THR B 4 -0.90 20.44 -8.13
C THR B 4 -1.43 19.33 -7.22
N VAL B 5 -1.72 19.66 -5.98
CA VAL B 5 -2.30 18.67 -5.08
C VAL B 5 -3.68 19.21 -4.72
N VAL B 6 -4.69 18.37 -4.94
CA VAL B 6 -6.10 18.70 -4.66
C VAL B 6 -6.49 17.93 -3.41
N TYR B 7 -6.81 18.66 -2.34
CA TYR B 7 -7.14 18.02 -1.08
C TYR B 7 -7.96 18.90 -0.17
N PHE B 8 -8.43 18.31 0.92
CA PHE B 8 -9.20 19.02 1.93
C PHE B 8 -8.22 19.88 2.71
N PRO B 9 -8.73 20.88 3.46
CA PRO B 9 -7.79 21.73 4.21
C PRO B 9 -7.34 21.04 5.49
N VAL B 10 -6.55 19.98 5.34
CA VAL B 10 -6.00 19.22 6.46
C VAL B 10 -4.67 18.67 6.02
N ARG B 11 -3.85 18.23 6.97
CA ARG B 11 -2.55 17.67 6.63
C ARG B 11 -2.81 16.26 6.11
N GLY B 12 -3.37 15.42 6.98
CA GLY B 12 -3.71 14.05 6.63
C GLY B 12 -2.73 13.30 5.75
N ARG B 13 -3.25 12.70 4.67
CA ARG B 13 -2.46 11.91 3.74
C ARG B 13 -1.65 12.72 2.75
N CYS B 14 -1.68 14.04 2.88
CA CYS B 14 -0.90 14.90 1.99
C CYS B 14 0.31 15.49 2.68
N ALA B 15 0.35 15.36 4.01
CA ALA B 15 1.46 15.89 4.80
C ALA B 15 2.82 15.38 4.34
N ALA B 16 2.96 14.07 4.19
CA ALA B 16 4.25 13.49 3.77
C ALA B 16 4.72 13.93 2.39
N LEU B 17 3.85 13.89 1.39
CA LEU B 17 4.26 14.30 0.06
C LEU B 17 4.57 15.80 0.01
N ARG B 18 3.91 16.58 0.86
CA ARG B 18 4.16 18.03 0.93
C ARG B 18 5.55 18.28 1.53
N MET B 19 5.87 17.56 2.60
CA MET B 19 7.18 17.69 3.25
C MET B 19 8.24 17.32 2.22
N LEU B 20 7.94 16.29 1.43
CA LEU B 20 8.85 15.83 0.40
C LEU B 20 9.10 16.92 -0.62
N LEU B 21 8.03 17.47 -1.17
CA LEU B 21 8.16 18.52 -2.17
C LEU B 21 8.88 19.74 -1.62
N ALA B 22 8.54 20.14 -0.39
CA ALA B 22 9.17 21.30 0.24
C ALA B 22 10.66 21.07 0.43
N ASP B 23 11.00 19.93 1.03
CA ASP B 23 12.39 19.61 1.30
C ASP B 23 13.22 19.45 0.03
N GLN B 24 12.57 19.02 -1.05
CA GLN B 24 13.28 18.83 -2.31
C GLN B 24 13.33 20.11 -3.13
N GLY B 25 12.88 21.20 -2.55
CA GLY B 25 12.91 22.47 -3.24
C GLY B 25 12.01 22.51 -4.47
N GLN B 26 10.91 21.76 -4.42
CA GLN B 26 9.99 21.72 -5.54
C GLN B 26 8.82 22.67 -5.28
N SER B 27 8.25 23.21 -6.35
CA SER B 27 7.11 24.12 -6.21
C SER B 27 5.83 23.40 -6.62
N TRP B 28 4.75 23.69 -5.92
CA TRP B 28 3.49 23.06 -6.23
C TRP B 28 2.33 23.98 -5.89
N LYS B 29 1.18 23.71 -6.50
CA LYS B 29 0.00 24.50 -6.25
C LYS B 29 -0.97 23.69 -5.39
N GLU B 30 -1.63 24.36 -4.46
CA GLU B 30 -2.59 23.70 -3.60
C GLU B 30 -3.98 24.11 -4.04
N GLU B 31 -4.84 23.12 -4.24
CA GLU B 31 -6.22 23.36 -4.63
C GLU B 31 -7.02 22.82 -3.49
N VAL B 32 -7.56 23.72 -2.66
CA VAL B 32 -8.33 23.33 -1.48
C VAL B 32 -9.79 23.01 -1.77
N VAL B 33 -10.23 21.86 -1.25
CA VAL B 33 -11.60 21.40 -1.43
C VAL B 33 -12.40 21.57 -0.17
N THR B 34 -13.54 22.24 -0.31
CA THR B 34 -14.41 22.46 0.83
C THR B 34 -15.50 21.43 0.98
N VAL B 35 -16.06 21.39 2.18
CA VAL B 35 -17.13 20.48 2.45
C VAL B 35 -18.16 20.68 1.34
N GLU B 36 -18.83 21.84 1.32
CA GLU B 36 -19.81 22.16 0.28
C GLU B 36 -19.41 21.54 -1.05
N THR B 37 -18.23 21.88 -1.56
CA THR B 37 -17.71 21.30 -2.83
C THR B 37 -17.67 19.78 -2.87
N TRP B 38 -17.14 19.16 -1.83
CA TRP B 38 -17.07 17.71 -1.77
C TRP B 38 -18.50 17.16 -1.73
N GLN B 39 -19.28 17.64 -0.76
CA GLN B 39 -20.66 17.20 -0.60
C GLN B 39 -21.49 17.41 -1.85
N GLU B 40 -21.09 18.37 -2.68
CA GLU B 40 -21.82 18.64 -3.92
C GLU B 40 -21.84 17.34 -4.72
N GLY B 41 -20.73 16.60 -4.70
CA GLY B 41 -20.67 15.32 -5.38
C GLY B 41 -19.97 15.20 -6.73
N SER B 42 -19.93 16.25 -7.52
CA SER B 42 -19.30 16.13 -8.84
C SER B 42 -17.81 15.82 -8.80
N LEU B 43 -17.06 16.51 -7.94
CA LEU B 43 -15.62 16.28 -7.83
C LEU B 43 -15.39 14.83 -7.42
N LYS B 44 -16.03 14.43 -6.33
CA LYS B 44 -15.93 13.09 -5.80
C LYS B 44 -16.18 12.06 -6.89
N ALA B 45 -17.31 12.21 -7.58
CA ALA B 45 -17.68 11.30 -8.66
C ALA B 45 -16.62 11.23 -9.75
N SER B 46 -15.86 12.30 -9.92
CA SER B 46 -14.82 12.35 -10.94
C SER B 46 -13.51 11.74 -10.47
N CYS B 47 -13.41 11.44 -9.18
CA CYS B 47 -12.19 10.84 -8.63
C CYS B 47 -12.21 9.34 -8.88
N LEU B 48 -11.09 8.80 -9.36
CA LEU B 48 -10.98 7.38 -9.65
C LEU B 48 -11.61 6.48 -8.61
N TYR B 49 -11.21 6.65 -7.35
CA TYR B 49 -11.75 5.83 -6.27
C TYR B 49 -12.63 6.67 -5.37
N GLY B 50 -13.17 7.75 -5.94
CA GLY B 50 -14.05 8.64 -5.20
C GLY B 50 -13.42 9.28 -3.98
N GLN B 51 -12.11 9.49 -4.02
CA GLN B 51 -11.41 10.08 -2.88
C GLN B 51 -10.28 11.02 -3.28
N LEU B 52 -9.84 11.82 -2.31
CA LEU B 52 -8.73 12.74 -2.50
C LEU B 52 -7.65 12.16 -1.57
N PRO B 53 -6.39 12.55 -1.77
CA PRO B 53 -5.86 13.49 -2.75
C PRO B 53 -5.90 13.10 -4.21
N LYS B 54 -5.90 14.16 -5.03
CA LYS B 54 -5.84 14.05 -6.48
C LYS B 54 -4.55 14.81 -6.74
N PHE B 55 -3.69 14.30 -7.62
CA PHE B 55 -2.42 14.95 -7.89
C PHE B 55 -2.22 15.11 -9.38
N GLN B 56 -1.66 16.25 -9.77
CA GLN B 56 -1.41 16.47 -11.18
C GLN B 56 0.04 16.86 -11.39
N ASP B 57 0.66 16.19 -12.36
CA ASP B 57 2.04 16.42 -12.72
C ASP B 57 1.99 16.56 -14.22
N GLY B 58 1.89 17.80 -14.72
CA GLY B 58 1.78 17.97 -16.16
C GLY B 58 0.40 17.45 -16.51
N ASP B 59 0.29 16.62 -17.55
CA ASP B 59 -1.02 16.11 -17.91
C ASP B 59 -1.26 14.73 -17.30
N LEU B 60 -0.40 14.35 -16.36
CA LEU B 60 -0.51 13.09 -15.65
C LEU B 60 -1.30 13.37 -14.39
N THR B 61 -2.41 12.66 -14.21
CA THR B 61 -3.24 12.82 -13.04
C THR B 61 -3.16 11.55 -12.22
N LEU B 62 -2.90 11.71 -10.92
CA LEU B 62 -2.76 10.58 -10.03
C LEU B 62 -3.71 10.63 -8.83
N TYR B 63 -3.97 9.47 -8.24
CA TYR B 63 -4.83 9.33 -7.06
C TYR B 63 -4.11 8.35 -6.13
N GLN B 64 -4.41 8.40 -4.83
CA GLN B 64 -3.81 7.53 -3.82
C GLN B 64 -2.51 8.15 -3.32
N SER B 65 -2.48 8.51 -2.04
CA SER B 65 -1.29 9.14 -1.47
C SER B 65 0.04 8.38 -1.69
N ASN B 66 0.03 7.07 -1.54
CA ASN B 66 1.28 6.32 -1.75
C ASN B 66 1.71 6.24 -3.20
N THR B 67 0.75 6.37 -4.12
CA THR B 67 1.07 6.36 -5.53
C THR B 67 1.81 7.67 -5.82
N ILE B 68 1.32 8.76 -5.24
CA ILE B 68 1.95 10.07 -5.44
C ILE B 68 3.35 10.06 -4.83
N LEU B 69 3.49 9.48 -3.63
CA LEU B 69 4.78 9.41 -2.97
C LEU B 69 5.76 8.61 -3.81
N ARG B 70 5.33 7.47 -4.34
CA ARG B 70 6.21 6.64 -5.17
C ARG B 70 6.56 7.33 -6.48
N HIS B 71 5.60 8.08 -7.02
CA HIS B 71 5.83 8.78 -8.26
C HIS B 71 6.93 9.81 -8.06
N LEU B 72 6.78 10.63 -7.01
CA LEU B 72 7.77 11.66 -6.69
C LEU B 72 9.12 11.02 -6.34
N GLY B 73 9.09 9.90 -5.61
CA GLY B 73 10.34 9.24 -5.25
C GLY B 73 11.05 8.70 -6.47
N ARG B 74 10.28 8.14 -7.39
CA ARG B 74 10.80 7.58 -8.63
C ARG B 74 11.41 8.67 -9.52
N THR B 75 10.63 9.72 -9.76
CA THR B 75 11.06 10.82 -10.62
C THR B 75 12.10 11.77 -10.02
N LEU B 76 12.11 11.92 -8.70
CA LEU B 76 13.05 12.82 -8.03
C LEU B 76 14.29 12.09 -7.47
N GLY B 77 14.33 10.78 -7.64
CA GLY B 77 15.48 10.02 -7.15
C GLY B 77 15.52 9.74 -5.66
N LEU B 78 14.36 9.48 -5.06
CA LEU B 78 14.28 9.17 -3.63
C LEU B 78 13.65 7.80 -3.47
N TYR B 79 14.23 6.82 -4.17
CA TYR B 79 13.70 5.45 -4.16
C TYR B 79 14.82 4.41 -4.08
N GLY B 80 15.86 4.71 -3.30
CA GLY B 80 16.97 3.76 -3.17
C GLY B 80 18.03 3.92 -4.25
N LYS B 81 19.21 3.37 -4.01
CA LYS B 81 20.29 3.47 -4.98
C LYS B 81 20.26 2.29 -5.96
N ASP B 82 19.51 1.26 -5.62
CA ASP B 82 19.41 0.08 -6.48
C ASP B 82 18.10 -0.67 -6.24
N GLN B 83 17.91 -1.79 -6.91
CA GLN B 83 16.68 -2.56 -6.76
C GLN B 83 16.52 -3.11 -5.35
N GLN B 84 17.62 -3.48 -4.72
CA GLN B 84 17.55 -4.01 -3.38
C GLN B 84 17.05 -2.95 -2.39
N GLU B 85 17.57 -1.72 -2.52
CA GLU B 85 17.17 -0.63 -1.65
C GLU B 85 15.73 -0.22 -1.95
N ALA B 86 15.37 -0.22 -3.23
CA ALA B 86 14.01 0.15 -3.61
C ALA B 86 13.01 -0.78 -2.92
N ALA B 87 13.35 -2.07 -2.82
CA ALA B 87 12.48 -3.05 -2.18
C ALA B 87 12.34 -2.78 -0.70
N LEU B 88 13.45 -2.45 -0.05
CA LEU B 88 13.43 -2.15 1.38
C LEU B 88 12.64 -0.88 1.64
N VAL B 89 12.75 0.08 0.72
CA VAL B 89 12.02 1.34 0.82
C VAL B 89 10.52 1.03 0.81
N ASP B 90 10.11 0.14 -0.09
CA ASP B 90 8.71 -0.25 -0.20
C ASP B 90 8.27 -0.93 1.09
N MET B 91 9.12 -1.80 1.62
CA MET B 91 8.82 -2.53 2.84
C MET B 91 8.58 -1.58 4.02
N VAL B 92 9.36 -0.51 4.08
CA VAL B 92 9.19 0.48 5.15
C VAL B 92 7.85 1.23 4.92
N ASN B 93 7.64 1.69 3.69
CA ASN B 93 6.40 2.43 3.40
C ASN B 93 5.14 1.61 3.64
N ASP B 94 5.17 0.32 3.29
CA ASP B 94 4.01 -0.55 3.49
C ASP B 94 3.76 -0.61 5.00
N GLY B 95 4.83 -0.71 5.77
CA GLY B 95 4.70 -0.76 7.22
C GLY B 95 4.12 0.54 7.74
N VAL B 96 4.60 1.67 7.21
CA VAL B 96 4.10 2.99 7.62
C VAL B 96 2.61 3.08 7.32
N GLU B 97 2.23 2.67 6.10
CA GLU B 97 0.83 2.72 5.67
C GLU B 97 -0.03 1.87 6.58
N ASP B 98 0.46 0.71 6.98
CA ASP B 98 -0.28 -0.18 7.86
C ASP B 98 -0.60 0.49 9.19
N LEU B 99 0.39 1.14 9.79
CA LEU B 99 0.16 1.83 11.05
C LEU B 99 -0.74 3.04 10.80
N ARG B 100 -0.52 3.74 9.69
CA ARG B 100 -1.35 4.90 9.38
C ARG B 100 -2.82 4.51 9.31
N CYS B 101 -3.09 3.34 8.72
CA CYS B 101 -4.47 2.89 8.61
C CYS B 101 -5.08 2.67 9.98
N LYS B 102 -4.29 2.14 10.92
CA LYS B 102 -4.77 1.91 12.27
C LYS B 102 -5.03 3.25 12.97
N TYR B 103 -4.15 4.21 12.73
CA TYR B 103 -4.26 5.54 13.33
C TYR B 103 -5.51 6.25 12.83
N ILE B 104 -5.73 6.18 11.53
CA ILE B 104 -6.90 6.81 10.90
C ILE B 104 -8.19 6.18 11.44
N SER B 105 -8.18 4.86 11.60
CA SER B 105 -9.34 4.16 12.11
C SER B 105 -9.69 4.66 13.51
N LEU B 106 -8.67 4.80 14.36
CA LEU B 106 -8.87 5.29 15.71
C LEU B 106 -9.42 6.72 15.70
N ILE B 107 -8.72 7.61 15.01
CA ILE B 107 -9.10 9.02 14.89
C ILE B 107 -10.53 9.24 14.44
N TYR B 108 -10.92 8.57 13.36
CA TYR B 108 -12.25 8.76 12.79
C TYR B 108 -13.31 7.74 13.21
N THR B 109 -12.91 6.59 13.72
CA THR B 109 -13.86 5.54 14.09
C THR B 109 -14.21 5.34 15.56
N ASN B 110 -13.23 5.42 16.44
CA ASN B 110 -13.51 5.26 17.86
C ASN B 110 -12.33 5.74 18.71
N TYR B 111 -12.15 7.05 18.69
CA TYR B 111 -11.09 7.72 19.41
C TYR B 111 -11.21 7.57 20.92
N GLU B 112 -12.35 7.96 21.46
CA GLU B 112 -12.60 7.91 22.90
C GLU B 112 -12.40 6.53 23.53
N ALA B 113 -13.10 5.54 22.99
CA ALA B 113 -13.03 4.17 23.50
C ALA B 113 -11.76 3.39 23.16
N GLY B 114 -11.18 3.64 21.99
CA GLY B 114 -9.98 2.92 21.60
C GLY B 114 -8.62 3.53 21.84
N LYS B 115 -8.55 4.78 22.29
CA LYS B 115 -7.24 5.42 22.49
C LYS B 115 -6.31 4.76 23.50
N ASP B 116 -6.86 4.21 24.59
CA ASP B 116 -6.02 3.57 25.61
C ASP B 116 -5.33 2.33 25.05
N ASP B 117 -6.13 1.45 24.48
CA ASP B 117 -5.62 0.23 23.89
C ASP B 117 -4.63 0.53 22.77
N TYR B 118 -4.95 1.54 21.95
CA TYR B 118 -4.09 1.92 20.85
C TYR B 118 -2.72 2.35 21.35
N VAL B 119 -2.72 3.20 22.38
CA VAL B 119 -1.48 3.70 22.93
C VAL B 119 -0.66 2.65 23.64
N LYS B 120 -1.32 1.67 24.25
CA LYS B 120 -0.62 0.58 24.93
C LYS B 120 0.09 -0.28 23.87
N ALA B 121 -0.57 -0.43 22.73
CA ALA B 121 -0.04 -1.24 21.64
C ALA B 121 0.96 -0.50 20.77
N LEU B 122 1.02 0.82 20.91
CA LEU B 122 1.91 1.65 20.09
C LEU B 122 3.39 1.24 20.10
N PRO B 123 3.97 1.00 21.29
CA PRO B 123 5.39 0.62 21.33
C PRO B 123 5.70 -0.57 20.42
N GLY B 124 4.82 -1.56 20.45
CA GLY B 124 5.01 -2.73 19.62
C GLY B 124 4.96 -2.39 18.14
N GLN B 125 4.16 -1.38 17.79
CA GLN B 125 4.04 -0.96 16.40
C GLN B 125 5.20 -0.08 15.93
N LEU B 126 5.86 0.60 16.86
CA LEU B 126 6.98 1.47 16.50
C LEU B 126 8.31 0.73 16.50
N LYS B 127 8.39 -0.32 17.31
CA LYS B 127 9.59 -1.14 17.43
C LYS B 127 10.25 -1.53 16.09
N PRO B 128 9.45 -1.98 15.10
CA PRO B 128 10.04 -2.36 13.82
C PRO B 128 10.85 -1.27 13.14
N PHE B 129 10.40 -0.02 13.24
CA PHE B 129 11.14 1.05 12.59
C PHE B 129 12.44 1.39 13.32
N GLU B 130 12.43 1.20 14.64
CA GLU B 130 13.62 1.43 15.46
C GLU B 130 14.66 0.37 15.04
N THR B 131 14.19 -0.87 14.89
CA THR B 131 15.04 -1.97 14.48
C THR B 131 15.65 -1.73 13.09
N LEU B 132 14.84 -1.26 12.15
CA LEU B 132 15.33 -0.98 10.81
C LEU B 132 16.46 0.04 10.90
N LEU B 133 16.26 1.08 11.70
CA LEU B 133 17.28 2.12 11.88
C LEU B 133 18.56 1.50 12.49
N SER B 134 18.38 0.72 13.54
CA SER B 134 19.52 0.08 14.20
C SER B 134 20.33 -0.77 13.24
N GLN B 135 19.69 -1.23 12.17
CA GLN B 135 20.38 -2.07 11.19
C GLN B 135 20.95 -1.31 10.01
N ASN B 136 20.78 0.00 10.01
CA ASN B 136 21.30 0.82 8.91
C ASN B 136 22.23 1.92 9.41
N GLN B 137 23.53 1.63 9.44
CA GLN B 137 24.52 2.60 9.90
C GLN B 137 24.23 3.12 11.30
N GLY B 138 23.84 2.23 12.20
CA GLY B 138 23.54 2.64 13.55
C GLY B 138 22.40 3.63 13.66
N GLY B 139 21.61 3.74 12.59
CA GLY B 139 20.48 4.66 12.58
C GLY B 139 20.87 6.12 12.48
N LYS B 140 22.08 6.37 11.98
CA LYS B 140 22.59 7.73 11.85
C LYS B 140 22.28 8.45 10.55
N THR B 141 21.77 7.72 9.56
CA THR B 141 21.45 8.35 8.27
C THR B 141 19.93 8.33 8.00
N PHE B 142 19.49 7.43 7.12
CA PHE B 142 18.06 7.35 6.82
C PHE B 142 17.47 5.99 7.11
N ILE B 143 16.18 5.82 6.84
CA ILE B 143 15.53 4.54 7.12
C ILE B 143 16.06 3.42 6.22
N VAL B 144 16.44 3.78 4.98
CA VAL B 144 17.02 2.82 4.04
C VAL B 144 18.19 3.46 3.30
N GLY B 145 19.35 2.83 3.39
CA GLY B 145 20.52 3.35 2.70
C GLY B 145 21.06 4.63 3.30
N ASP B 146 21.88 5.34 2.53
CA ASP B 146 22.49 6.58 3.00
C ASP B 146 21.93 7.81 2.31
N GLN B 147 20.81 7.65 1.61
CA GLN B 147 20.18 8.76 0.93
C GLN B 147 18.71 8.78 1.33
N ILE B 148 18.11 9.96 1.36
CA ILE B 148 16.71 10.07 1.75
C ILE B 148 15.80 9.46 0.68
N SER B 149 14.67 8.92 1.11
CA SER B 149 13.72 8.32 0.18
C SER B 149 12.32 8.78 0.57
N PHE B 150 11.33 8.53 -0.29
CA PHE B 150 9.96 8.94 0.05
C PHE B 150 9.45 8.28 1.33
N ALA B 151 9.95 7.09 1.65
CA ALA B 151 9.52 6.40 2.85
C ALA B 151 9.96 7.18 4.10
N ASP B 152 11.05 7.92 3.99
CA ASP B 152 11.53 8.72 5.12
C ASP B 152 10.51 9.80 5.47
N TYR B 153 10.02 10.49 4.45
CA TYR B 153 9.03 11.54 4.69
C TYR B 153 7.75 10.95 5.23
N ASN B 154 7.35 9.78 4.71
CA ASN B 154 6.12 9.17 5.18
C ASN B 154 6.29 8.69 6.63
N LEU B 155 7.44 8.11 6.93
CA LEU B 155 7.69 7.64 8.31
C LEU B 155 7.80 8.83 9.26
N LEU B 156 8.51 9.88 8.82
CA LEU B 156 8.67 11.05 9.66
C LEU B 156 7.29 11.58 10.05
N ASP B 157 6.41 11.72 9.07
CA ASP B 157 5.06 12.20 9.34
C ASP B 157 4.31 11.32 10.33
N LEU B 158 4.45 10.00 10.17
CA LEU B 158 3.80 9.04 11.05
C LEU B 158 4.26 9.23 12.49
N LEU B 159 5.57 9.45 12.66
CA LEU B 159 6.14 9.65 13.99
C LEU B 159 5.68 11.00 14.56
N LEU B 160 5.68 12.03 13.72
CA LEU B 160 5.23 13.35 14.18
C LEU B 160 3.79 13.34 14.68
N ILE B 161 2.87 12.73 13.92
CA ILE B 161 1.47 12.70 14.34
C ILE B 161 1.24 11.81 15.56
N HIS B 162 2.12 10.83 15.76
CA HIS B 162 1.97 9.95 16.91
C HIS B 162 2.46 10.61 18.20
N GLU B 163 3.40 11.55 18.09
CA GLU B 163 3.89 12.24 19.28
C GLU B 163 2.78 13.16 19.79
N VAL B 164 2.00 13.69 18.87
CA VAL B 164 0.89 14.56 19.25
C VAL B 164 -0.19 13.72 19.91
N LEU B 165 -0.41 12.52 19.37
CA LEU B 165 -1.43 11.61 19.91
C LEU B 165 -0.98 11.03 21.26
N ALA B 166 0.29 10.65 21.33
CA ALA B 166 0.85 10.07 22.54
C ALA B 166 2.21 10.68 22.83
N PRO B 167 2.22 11.90 23.39
CA PRO B 167 3.50 12.56 23.70
C PRO B 167 4.48 11.65 24.41
N GLY B 168 5.74 11.70 24.00
CA GLY B 168 6.74 10.86 24.62
C GLY B 168 6.75 9.43 24.16
N CYS B 169 6.00 9.10 23.11
CA CYS B 169 5.97 7.72 22.64
C CYS B 169 7.31 7.32 22.01
N LEU B 170 8.15 8.30 21.71
CA LEU B 170 9.46 8.02 21.11
C LEU B 170 10.58 7.98 22.14
N ASP B 171 10.26 8.32 23.39
CA ASP B 171 11.24 8.36 24.46
C ASP B 171 12.07 7.09 24.62
N ALA B 172 11.42 5.92 24.51
CA ALA B 172 12.13 4.66 24.66
C ALA B 172 12.88 4.21 23.41
N PHE B 173 12.77 4.99 22.34
CA PHE B 173 13.42 4.67 21.06
C PHE B 173 14.40 5.78 20.68
N PRO B 174 15.66 5.63 21.09
CA PRO B 174 16.72 6.61 20.80
C PRO B 174 16.96 6.90 19.33
N LEU B 175 16.92 5.84 18.52
CA LEU B 175 17.17 6.02 17.10
C LEU B 175 16.02 6.80 16.43
N LEU B 176 14.78 6.43 16.73
CA LEU B 176 13.63 7.09 16.15
C LEU B 176 13.57 8.55 16.59
N SER B 177 13.84 8.78 17.88
CA SER B 177 13.82 10.13 18.44
C SER B 177 14.83 11.00 17.72
N ALA B 178 16.07 10.54 17.69
CA ALA B 178 17.15 11.27 17.03
C ALA B 178 16.84 11.46 15.55
N TYR B 179 16.22 10.45 14.96
CA TYR B 179 15.86 10.48 13.56
C TYR B 179 14.89 11.64 13.28
N VAL B 180 13.85 11.74 14.11
CA VAL B 180 12.86 12.80 13.95
C VAL B 180 13.54 14.16 14.07
N GLY B 181 14.36 14.33 15.10
CA GLY B 181 15.04 15.60 15.27
C GLY B 181 15.95 15.95 14.10
N ARG B 182 16.72 14.96 13.65
CA ARG B 182 17.66 15.16 12.56
C ARG B 182 16.98 15.53 11.25
N LEU B 183 15.94 14.78 10.87
CA LEU B 183 15.24 15.05 9.62
C LEU B 183 14.47 16.38 9.70
N SER B 184 13.89 16.64 10.86
CA SER B 184 13.13 17.86 11.06
C SER B 184 14.00 19.11 10.97
N ALA B 185 15.30 18.93 11.15
CA ALA B 185 16.24 20.03 11.12
C ALA B 185 16.72 20.37 9.72
N ARG B 186 16.42 19.53 8.74
CA ARG B 186 16.83 19.82 7.38
C ARG B 186 16.26 21.19 7.05
N PRO B 187 17.12 22.14 6.66
CA PRO B 187 16.74 23.53 6.32
C PRO B 187 15.38 23.75 5.63
N LYS B 188 15.22 23.22 4.43
CA LYS B 188 13.95 23.42 3.73
C LYS B 188 12.77 22.80 4.46
N LEU B 189 12.97 21.62 5.04
CA LEU B 189 11.92 20.92 5.78
C LEU B 189 11.57 21.67 7.07
N LYS B 190 12.60 22.17 7.75
CA LYS B 190 12.42 22.92 8.99
C LYS B 190 11.57 24.16 8.73
N ALA B 191 11.91 24.91 7.69
CA ALA B 191 11.16 26.11 7.33
C ALA B 191 9.71 25.76 6.97
N PHE B 192 9.52 24.70 6.22
CA PHE B 192 8.18 24.31 5.85
C PHE B 192 7.35 23.90 7.07
N LEU B 193 7.93 23.09 7.94
CA LEU B 193 7.21 22.62 9.12
C LEU B 193 6.83 23.76 10.06
N ALA B 194 7.58 24.86 10.00
CA ALA B 194 7.30 26.00 10.87
C ALA B 194 6.33 27.00 10.22
N SER B 195 6.18 26.89 8.91
CA SER B 195 5.30 27.79 8.17
C SER B 195 3.81 27.66 8.52
N PRO B 196 3.04 28.75 8.30
CA PRO B 196 1.60 28.76 8.59
C PRO B 196 0.85 27.72 7.72
N GLU B 197 1.37 27.53 6.52
CA GLU B 197 0.81 26.59 5.53
C GLU B 197 0.70 25.17 6.11
N TYR B 198 1.64 24.84 7.01
CA TYR B 198 1.65 23.54 7.64
C TYR B 198 1.05 23.65 9.03
N VAL B 199 1.60 24.55 9.82
CA VAL B 199 1.16 24.75 11.19
C VAL B 199 -0.31 25.06 11.38
N ASN B 200 -0.89 25.88 10.51
CA ASN B 200 -2.30 26.27 10.65
C ASN B 200 -3.32 25.33 10.04
N LEU B 201 -2.85 24.14 9.66
CA LEU B 201 -3.72 23.11 9.08
C LEU B 201 -3.93 22.06 10.15
N PRO B 202 -5.17 21.60 10.36
CA PRO B 202 -5.35 20.56 11.38
C PRO B 202 -4.75 19.23 10.85
N ILE B 203 -4.37 18.35 11.76
CA ILE B 203 -3.80 17.07 11.33
C ILE B 203 -4.86 16.25 10.62
N ASN B 204 -6.05 16.21 11.20
CA ASN B 204 -7.17 15.45 10.66
C ASN B 204 -8.37 16.32 10.37
N GLY B 205 -9.44 15.71 9.84
CA GLY B 205 -10.61 16.47 9.50
C GLY B 205 -11.73 16.50 10.52
N ASN B 206 -11.61 15.72 11.57
CA ASN B 206 -12.65 15.69 12.59
C ASN B 206 -12.23 16.37 13.89
N GLY B 207 -11.13 17.11 13.83
CA GLY B 207 -10.64 17.83 14.99
C GLY B 207 -9.98 17.01 16.09
N LYS B 208 -9.75 15.73 15.83
CA LYS B 208 -9.10 14.86 16.82
C LYS B 208 -7.65 14.67 16.42
N GLN B 209 -6.81 14.41 17.42
CA GLN B 209 -5.38 14.22 17.18
C GLN B 209 -4.69 13.63 18.39
C5 BSP C . -3.88 -17.82 9.32
C5 BSP C . -3.81 -13.35 7.51
C4 BSP C . -3.96 -19.21 9.71
C4 BSP C . -3.57 -13.48 8.90
C3 BSP C . -3.73 -19.57 11.08
C3 BSP C . -3.43 -12.28 9.65
C8 BSP C . -3.42 -18.58 12.07
C8 BSP C . -3.55 -10.99 8.99
C7 BSP C . -3.31 -17.19 11.70
C7 BSP C . -3.77 -10.92 7.56
C6 BSP C . -3.56 -16.80 10.33
C6 BSP C . -3.92 -12.11 6.85
BR6 BSP C . -3.44 -14.91 9.82
BR6 BSP C . -4.25 -12.01 4.88
BR7 BSP C . -2.87 -15.87 13.07
BR7 BSP C . -3.95 -9.14 6.74
BR5 BSP C . -4.20 -17.33 7.46
BR5 BSP C . -4.07 -14.94 6.46
BR4 BSP C . -4.38 -20.61 8.43
BR4 BSP C . -3.41 -15.24 9.86
C9 BSP C . -3.22 -19.26 13.38
C9 BSP C . -3.35 -9.89 10.01
O1 BSP C . -3.43 -20.61 13.19
O1 BSP C . -3.16 -10.49 11.24
O9 BSP C . -2.94 -18.75 14.46
O9 BSP C . -3.37 -8.67 9.82
C2 BSP C . -3.76 -20.95 11.79
C2 BSP C . -3.18 -11.98 11.17
N1 GSH D . 0.44 -5.63 5.16
CA1 GSH D . 0.89 -7.04 5.29
C1 GSH D . 1.14 -7.65 3.92
O11 GSH D . 1.84 -8.68 3.82
O12 GSH D . 0.61 -7.09 2.95
CB1 GSH D . -0.17 -7.87 6.01
CG1 GSH D . 0.31 -9.23 6.44
CD1 GSH D . -0.73 -10.02 7.21
OE1 GSH D . -1.85 -9.55 7.45
N2 GSH D . -0.35 -11.23 7.58
CA2 GSH D . -1.21 -12.13 8.34
C2 GSH D . -0.42 -12.69 9.52
O2 GSH D . 0.80 -12.81 9.45
CB2 GSH D . -1.70 -13.26 7.43
SG2 GSH D . -2.14 -12.74 5.75
N3 GSH D . -1.13 -13.03 10.59
CA3 GSH D . -0.48 -13.58 11.77
C3 GSH D . -0.30 -12.55 12.86
O31 GSH D . 0.13 -12.93 13.97
O32 GSH D . -0.59 -11.36 12.60
O1 MES E . 5.79 -25.02 -4.81
C2 MES E . 6.70 -23.99 -5.30
C3 MES E . 6.72 -23.95 -6.85
N4 MES E . 5.77 -25.04 -7.44
C5 MES E . 6.00 -26.45 -6.83
C6 MES E . 6.05 -26.39 -5.28
C7 MES E . 5.77 -25.03 -8.98
C8 MES E . 4.88 -23.92 -9.57
S MES E . 4.83 -23.97 -11.35
O1S MES E . 5.00 -22.52 -11.94
O2S MES E . 6.07 -24.90 -11.97
O3S MES E . 3.47 -24.58 -11.86
C5 BSP F . -12.54 15.28 5.49
C5 BSP F . -9.96 11.24 4.90
C4 BSP F . -13.16 16.56 5.73
C4 BSP F . -11.33 11.21 4.52
C3 BSP F . -14.55 16.74 5.40
C3 BSP F . -11.86 9.88 4.09
C8 BSP F . -15.31 15.69 4.82
C8 BSP F . -11.04 8.74 4.07
C7 BSP F . -14.71 14.40 4.55
C7 BSP F . -9.68 8.86 4.46
C6 BSP F . -13.32 14.19 4.89
C6 BSP F . -9.10 10.12 4.85
BR6 BSP F . -12.49 12.44 4.55
BR6 BSP F . -7.19 10.23 5.35
BR7 BSP F . -15.79 12.97 3.77
BR7 BSP F . -8.63 7.21 4.57
BR5 BSP F . -10.64 15.04 5.93
BR5 BSP F . -9.31 12.97 5.67
BR4 BSP F . -12.17 18.05 6.51
BR4 BSP F . -12.56 12.74 4.57
C9 BSP F . -16.70 16.16 4.60
C9 BSP F . -11.84 7.54 3.64
O1 BSP F . -16.76 17.47 5.02
O1 BSP F . -13.14 8.00 3.35
O9 BSP F . -17.64 15.54 4.11
O9 BSP F . -11.46 6.39 3.50
C2 BSP F . -15.49 17.98 5.55
C2 BSP F . -13.31 9.46 3.60
N1 GSH G . -5.97 4.81 -0.19
CA1 GSH G . -6.31 6.25 -0.43
C1 GSH G . -5.04 7.10 -0.43
O11 GSH G . -5.07 8.24 -0.94
O12 GSH G . -4.03 6.59 0.09
CB1 GSH G . -7.25 6.74 0.66
CG1 GSH G . -7.84 8.11 0.35
CD1 GSH G . -8.83 8.57 1.38
OE1 GSH G . -9.10 7.88 2.37
N2 GSH G . -9.38 9.75 1.14
CA2 GSH G . -10.35 10.35 2.04
C2 GSH G . -11.53 10.87 1.22
O2 GSH G . -11.38 11.21 0.06
CB2 GSH G . -9.71 11.51 2.82
SG2 GSH G . -8.02 11.17 3.41
N3 GSH G . -12.71 10.91 1.85
CA3 GSH G . -13.88 11.39 1.15
C3 GSH G . -14.76 10.25 0.67
O31 GSH G . -15.84 10.53 0.13
O32 GSH G . -14.33 9.08 0.81
O1 MES H . 1.00 26.09 -1.27
C2 MES H . 1.74 25.30 -2.26
C3 MES H . 3.27 25.50 -2.09
N4 MES H . 3.57 26.50 -0.94
C5 MES H . 2.76 27.82 -1.02
C6 MES H . 1.25 27.53 -1.25
C7 MES H . 5.08 26.73 -0.75
C8 MES H . 5.77 25.59 0.01
S MES H . 7.51 25.89 0.28
O1S MES H . 8.36 24.60 -0.04
O2S MES H . 8.09 27.09 -0.73
O3S MES H . 7.77 26.34 1.77
#